data_8FAW
#
_entry.id   8FAW
#
_cell.length_a   100.349
_cell.length_b   100.349
_cell.length_c   395.503
_cell.angle_alpha   90.00
_cell.angle_beta   90.00
_cell.angle_gamma   120.00
#
_symmetry.space_group_name_H-M   'H 3 2'
#
loop_
_entity.id
_entity.type
_entity.pdbx_description
1 polymer Hemagglutinin
2 branched 2-acetamido-2-deoxy-beta-D-glucopyranose-(1-4)-2-acetamido-2-deoxy-beta-D-glucopyranose
3 branched 'N-acetyl-alpha-neuraminic acid-(2-6)-beta-D-galactopyranose-(1-4)-2-acetamido-2-deoxy-beta-D-glucopyranose-(1-3)-beta-D-galactopyranose-(1-4)-beta-D-glucopyranose'
4 non-polymer 2-acetamido-2-deoxy-beta-D-glucopyranose
5 water water
#
_entity_poly.entity_id   1
_entity_poly.type   'polypeptide(L)'
_entity_poly.pdbx_seq_one_letter_code
;ATLCLGHHAVPNGTIVKTITNDRIEVTNATELVQNSSIGEICDIPHQILDGGNCTLIDALLGDPQCDGFQNKKWDLFVER
SRAYSNCYPYDVPDYASLRSLVASSGTLEFKNESFNWAGVTQNGKSSSCIRGSSSSFFSRLNWLTHLNYTYPALNVTMPN
KEQFDKLYIWGVHHPDTDKNQISLYAQPSGRITVSTKRSQQAVIPNIGSRPRIRDIPSRISIYWTIVKPGDILLINSTGN
LIAPRGYFKIRSGKSSIMRSDAPIGKCKSECITPNGSIPNDKPFQNVNRITYGACPRYVKQSTLKLATGMRNVPEKQTRG
IFGAIAGFIENGWEGMVDGWYGFRHQNSEGRGQAADLKSTQAAIDQINGKLNRLIGKTNEKFHQIEKEFSEVEGRVQDLE
KYVEDTKIDLWSYNAELLVALENQHTIDLTDSEMNKLFEKTKKQLRENAEDMGNGCFKIYHKCDNACIGSIRNETYDHNV
YRDEALNNRFQI
;
_entity_poly.pdbx_strand_id   A
#
loop_
_chem_comp.id
_chem_comp.type
_chem_comp.name
_chem_comp.formula
BGC D-saccharide, beta linking beta-D-glucopyranose 'C6 H12 O6'
GAL D-saccharide, beta linking beta-D-galactopyranose 'C6 H12 O6'
NAG D-saccharide, beta linking 2-acetamido-2-deoxy-beta-D-glucopyranose 'C8 H15 N O6'
SIA D-saccharide, alpha linking 'N-acetyl-alpha-neuraminic acid' 'C11 H19 N O9'
#
# COMPACT_ATOMS: atom_id res chain seq x y z
N ALA A 1 -19.24 -14.45 -55.94
CA ALA A 1 -18.46 -13.74 -54.90
C ALA A 1 -18.09 -14.68 -53.74
N THR A 2 -17.04 -14.27 -53.02
CA THR A 2 -16.59 -14.93 -51.81
C THR A 2 -16.61 -13.86 -50.72
N LEU A 3 -17.19 -14.20 -49.57
CA LEU A 3 -17.14 -13.28 -48.44
C LEU A 3 -16.58 -14.02 -47.23
N CYS A 4 -15.43 -13.57 -46.75
CA CYS A 4 -14.70 -14.20 -45.65
C CYS A 4 -14.81 -13.31 -44.40
N LEU A 5 -15.10 -13.98 -43.27
CA LEU A 5 -15.13 -13.28 -41.99
C LEU A 5 -13.79 -13.54 -41.33
N GLY A 6 -13.26 -12.53 -40.66
CA GLY A 6 -12.00 -12.74 -39.99
C GLY A 6 -11.87 -11.79 -38.81
N HIS A 7 -10.66 -11.77 -38.25
CA HIS A 7 -10.32 -10.98 -37.08
C HIS A 7 -8.85 -10.55 -37.26
N HIS A 8 -8.41 -9.54 -36.51
CA HIS A 8 -7.06 -9.05 -36.67
C HIS A 8 -6.06 -9.93 -35.94
N ALA A 9 -4.78 -9.64 -36.23
CA ALA A 9 -3.66 -10.26 -35.54
C ALA A 9 -2.58 -9.19 -35.56
N VAL A 10 -1.57 -9.37 -34.71
CA VAL A 10 -0.48 -8.41 -34.65
C VAL A 10 0.80 -9.23 -34.77
N PRO A 11 1.87 -8.64 -35.35
CA PRO A 11 3.17 -9.33 -35.42
C PRO A 11 3.73 -9.66 -34.04
N ASN A 12 3.59 -8.73 -33.09
CA ASN A 12 4.17 -8.76 -31.74
C ASN A 12 3.11 -8.98 -30.66
N GLY A 13 2.74 -10.24 -30.38
CA GLY A 13 1.72 -10.47 -29.36
C GLY A 13 2.31 -10.51 -27.95
N THR A 14 1.47 -10.82 -26.95
CA THR A 14 1.97 -10.93 -25.59
C THR A 14 1.54 -12.27 -25.00
N ILE A 15 2.42 -12.84 -24.18
CA ILE A 15 2.13 -14.10 -23.52
C ILE A 15 1.37 -13.82 -22.23
N VAL A 16 0.25 -14.53 -22.03
CA VAL A 16 -0.48 -14.49 -20.76
C VAL A 16 -0.80 -15.90 -20.30
N LYS A 17 -1.30 -16.00 -19.06
CA LYS A 17 -1.71 -17.28 -18.49
C LYS A 17 -3.24 -17.31 -18.45
N THR A 18 -3.80 -18.51 -18.65
CA THR A 18 -5.22 -18.79 -18.51
C THR A 18 -5.40 -19.96 -17.56
N ILE A 19 -6.62 -20.46 -17.46
CA ILE A 19 -6.93 -21.60 -16.62
C ILE A 19 -6.25 -22.84 -17.20
N THR A 20 -6.24 -22.95 -18.53
CA THR A 20 -5.79 -24.19 -19.16
C THR A 20 -4.36 -24.09 -19.69
N ASN A 21 -3.78 -22.87 -19.76
CA ASN A 21 -2.54 -22.64 -20.47
C ASN A 21 -1.65 -21.70 -19.68
N ASP A 22 -0.41 -22.14 -19.44
CA ASP A 22 0.61 -21.33 -18.79
C ASP A 22 1.07 -20.21 -19.70
N ARG A 23 0.98 -20.42 -21.02
CA ARG A 23 1.64 -19.54 -21.98
C ARG A 23 0.83 -19.47 -23.26
N ILE A 24 0.02 -18.43 -23.42
CA ILE A 24 -0.76 -18.31 -24.64
C ILE A 24 -0.69 -16.84 -25.07
N GLU A 25 -0.62 -16.62 -26.39
CA GLU A 25 -0.35 -15.30 -26.92
C GLU A 25 -1.66 -14.63 -27.30
N VAL A 26 -1.83 -13.37 -26.84
CA VAL A 26 -2.93 -12.49 -27.21
C VAL A 26 -2.37 -11.25 -27.93
N THR A 27 -3.26 -10.41 -28.46
CA THR A 27 -2.85 -9.27 -29.26
C THR A 27 -2.27 -8.17 -28.38
N ASN A 28 -2.67 -8.16 -27.11
CA ASN A 28 -2.39 -7.05 -26.21
C ASN A 28 -2.70 -7.51 -24.77
N ALA A 29 -1.88 -7.05 -23.82
CA ALA A 29 -2.17 -7.28 -22.41
C ALA A 29 -1.79 -6.03 -21.64
N THR A 30 -2.16 -5.98 -20.36
CA THR A 30 -1.70 -4.93 -19.45
C THR A 30 -1.18 -5.59 -18.18
N GLU A 31 -0.18 -4.96 -17.56
CA GLU A 31 0.48 -5.42 -16.35
C GLU A 31 -0.38 -5.07 -15.13
N LEU A 32 -0.60 -6.03 -14.19
CA LEU A 32 -1.41 -5.71 -13.03
C LEU A 32 -0.58 -5.57 -11.75
N VAL A 33 0.73 -5.80 -11.83
CA VAL A 33 1.62 -5.72 -10.69
C VAL A 33 2.57 -4.53 -10.88
N GLN A 34 2.48 -3.53 -9.97
CA GLN A 34 3.43 -2.43 -9.95
C GLN A 34 4.75 -2.95 -9.37
N ASN A 35 5.85 -2.76 -10.10
CA ASN A 35 7.10 -3.39 -9.69
C ASN A 35 8.21 -2.37 -9.52
N SER A 36 7.93 -1.09 -9.75
CA SER A 36 8.96 -0.09 -9.57
C SER A 36 8.42 1.08 -8.75
N SER A 37 9.34 1.74 -8.05
CA SER A 37 9.13 3.01 -7.39
C SER A 37 9.91 4.10 -8.10
N ILE A 38 9.46 5.37 -8.02
CA ILE A 38 10.27 6.48 -8.50
C ILE A 38 11.46 6.73 -7.56
N GLY A 39 11.53 6.01 -6.44
CA GLY A 39 12.69 6.08 -5.57
C GLY A 39 12.71 7.31 -4.66
N GLU A 40 11.61 8.08 -4.65
CA GLU A 40 11.44 9.22 -3.77
C GLU A 40 10.07 9.13 -3.11
N ILE A 41 9.97 9.65 -1.88
CA ILE A 41 8.69 9.83 -1.22
C ILE A 41 8.12 11.20 -1.62
N CYS A 42 6.99 11.19 -2.32
CA CYS A 42 6.36 12.43 -2.74
C CYS A 42 5.71 13.08 -1.52
N ASP A 43 5.81 14.41 -1.41
CA ASP A 43 5.42 15.12 -0.21
C ASP A 43 3.98 15.60 -0.26
N ILE A 44 3.25 15.32 -1.34
CA ILE A 44 1.81 15.51 -1.50
C ILE A 44 1.22 14.15 -1.85
N PRO A 45 0.03 13.73 -1.36
CA PRO A 45 -0.83 14.54 -0.50
C PRO A 45 -0.62 14.34 1.00
N HIS A 46 0.28 13.44 1.40
CA HIS A 46 0.43 13.17 2.81
C HIS A 46 1.46 14.12 3.40
N GLN A 47 1.16 14.63 4.61
CA GLN A 47 2.10 15.52 5.26
C GLN A 47 3.23 14.69 5.86
N ILE A 48 4.43 14.88 5.29
CA ILE A 48 5.58 14.07 5.62
C ILE A 48 6.48 14.77 6.62
N LEU A 49 6.91 14.07 7.68
CA LEU A 49 7.91 14.63 8.59
C LEU A 49 9.16 13.76 8.58
N ASP A 50 10.24 14.32 8.01
CA ASP A 50 11.55 13.69 7.94
C ASP A 50 12.23 13.72 9.32
N GLY A 51 12.41 12.56 9.93
CA GLY A 51 13.02 12.45 11.25
C GLY A 51 14.50 12.79 11.25
N GLY A 52 15.10 12.80 10.06
CA GLY A 52 16.53 13.01 9.92
C GLY A 52 17.31 12.11 10.86
N ASN A 53 17.97 12.73 11.84
CA ASN A 53 18.83 11.99 12.75
C ASN A 53 18.05 11.51 13.97
N CYS A 54 16.74 11.81 14.03
CA CYS A 54 16.03 11.59 15.27
C CYS A 54 15.00 10.48 15.08
N THR A 55 14.95 9.53 16.02
CA THR A 55 13.83 8.63 16.18
C THR A 55 12.61 9.42 16.67
N LEU A 56 11.42 8.88 16.44
CA LEU A 56 10.23 9.50 16.97
C LEU A 56 10.33 9.65 18.48
N ILE A 57 10.74 8.58 19.17
CA ILE A 57 10.82 8.57 20.63
C ILE A 57 11.76 9.68 21.15
N ASP A 58 12.91 9.87 20.48
CA ASP A 58 13.85 10.94 20.85
C ASP A 58 13.27 12.33 20.61
N ALA A 59 12.51 12.49 19.53
CA ALA A 59 11.76 13.73 19.31
C ALA A 59 10.73 13.91 20.42
N LEU A 60 10.17 12.81 20.94
CA LEU A 60 9.17 12.84 22.00
C LEU A 60 9.79 13.29 23.33
N LEU A 61 10.93 12.68 23.70
CA LEU A 61 11.54 12.96 25.00
C LEU A 61 12.21 14.33 25.01
N GLY A 62 12.73 14.75 23.85
CA GLY A 62 13.42 16.01 23.65
C GLY A 62 14.93 15.85 23.83
N ASP A 63 15.50 14.89 23.09
CA ASP A 63 16.93 14.78 22.85
C ASP A 63 17.36 16.07 22.14
N PRO A 64 18.51 16.70 22.50
CA PRO A 64 18.87 18.03 22.00
C PRO A 64 18.90 18.16 20.47
N GLN A 65 19.40 17.11 19.83
CA GLN A 65 19.36 16.96 18.38
C GLN A 65 17.97 17.23 17.79
N CYS A 66 16.92 17.07 18.60
CA CYS A 66 15.56 16.95 18.12
C CYS A 66 14.71 18.15 18.52
N ASP A 67 15.35 19.24 18.95
CA ASP A 67 14.59 20.40 19.39
C ASP A 67 13.72 20.97 18.27
N GLY A 68 14.13 20.80 17.01
CA GLY A 68 13.38 21.29 15.87
C GLY A 68 12.04 20.55 15.71
N PHE A 69 11.83 19.47 16.47
CA PHE A 69 10.63 18.66 16.28
C PHE A 69 9.53 19.02 17.27
N GLN A 70 9.83 19.98 18.17
CA GLN A 70 8.89 20.33 19.22
C GLN A 70 7.52 20.65 18.61
N ASN A 71 6.47 20.00 19.11
CA ASN A 71 5.10 20.32 18.73
C ASN A 71 4.78 20.06 17.25
N LYS A 72 5.64 19.34 16.52
CA LYS A 72 5.32 19.06 15.12
C LYS A 72 4.18 18.04 15.02
N LYS A 73 3.51 18.05 13.85
CA LYS A 73 2.47 17.10 13.47
C LYS A 73 2.87 16.42 12.16
N TRP A 74 2.24 15.27 11.86
CA TRP A 74 2.57 14.55 10.63
C TRP A 74 1.42 13.62 10.23
N ASP A 75 1.31 13.34 8.94
CA ASP A 75 0.55 12.18 8.51
C ASP A 75 1.47 10.95 8.56
N LEU A 76 2.68 11.12 8.01
CA LEU A 76 3.64 10.04 8.05
C LEU A 76 4.96 10.57 8.60
N PHE A 77 5.41 9.96 9.69
CA PHE A 77 6.73 10.26 10.20
C PHE A 77 7.73 9.27 9.60
N VAL A 78 8.81 9.81 9.03
CA VAL A 78 9.81 8.97 8.38
C VAL A 78 11.08 8.88 9.23
N GLU A 79 11.36 7.67 9.72
CA GLU A 79 12.54 7.42 10.53
C GLU A 79 13.66 6.88 9.64
N ARG A 80 14.84 7.48 9.75
CA ARG A 80 15.99 7.16 8.93
C ARG A 80 16.83 6.11 9.66
N SER A 81 17.53 5.27 8.92
CA SER A 81 18.29 4.23 9.60
C SER A 81 19.56 4.78 10.25
N ARG A 82 19.99 5.99 9.87
CA ARG A 82 21.18 6.57 10.50
C ARG A 82 20.82 7.22 11.83
N ALA A 83 19.54 7.25 12.21
CA ALA A 83 19.17 7.96 13.44
C ALA A 83 19.90 7.35 14.63
N TYR A 84 20.25 8.18 15.62
CA TYR A 84 20.96 7.70 16.81
C TYR A 84 20.57 8.57 17.99
N SER A 85 20.62 7.98 19.19
CA SER A 85 20.30 8.65 20.43
C SER A 85 21.56 9.37 20.92
N ASN A 86 21.39 10.54 21.53
CA ASN A 86 22.54 11.33 21.91
C ASN A 86 22.28 12.10 23.21
N CYS A 87 21.64 11.45 24.20
CA CYS A 87 21.25 12.11 25.45
C CYS A 87 21.52 11.11 26.57
N TYR A 88 20.80 11.21 27.69
CA TYR A 88 21.08 10.22 28.72
C TYR A 88 20.68 8.83 28.21
N PRO A 89 21.43 7.75 28.53
CA PRO A 89 21.09 6.41 28.04
C PRO A 89 19.78 6.00 28.73
N TYR A 90 18.86 5.44 27.93
CA TYR A 90 17.55 5.05 28.45
C TYR A 90 17.06 3.80 27.71
N ASP A 91 16.09 3.12 28.33
CA ASP A 91 15.28 2.16 27.62
C ASP A 91 13.81 2.49 27.83
N VAL A 92 12.96 1.93 26.98
CA VAL A 92 11.52 2.01 27.16
C VAL A 92 11.00 0.57 27.16
N PRO A 93 10.62 -0.02 28.31
CA PRO A 93 9.88 -1.28 28.29
C PRO A 93 8.66 -1.09 27.38
N ASP A 94 8.51 -2.01 26.42
CA ASP A 94 7.45 -1.97 25.42
C ASP A 94 7.61 -0.72 24.53
N TYR A 95 8.86 -0.42 24.17
CA TYR A 95 9.23 0.66 23.28
C TYR A 95 8.34 0.69 22.04
N ALA A 96 8.12 -0.47 21.41
CA ALA A 96 7.39 -0.52 20.15
C ALA A 96 5.95 -0.02 20.32
N SER A 97 5.38 -0.24 21.51
CA SER A 97 4.03 0.22 21.77
C SER A 97 3.98 1.73 21.90
N LEU A 98 4.98 2.33 22.58
CA LEU A 98 4.98 3.79 22.74
C LEU A 98 5.16 4.47 21.38
N ARG A 99 6.15 4.01 20.60
CA ARG A 99 6.40 4.44 19.23
C ARG A 99 5.12 4.39 18.41
N SER A 100 4.47 3.21 18.46
CA SER A 100 3.25 2.97 17.72
C SER A 100 2.16 4.00 18.09
N LEU A 101 1.91 4.19 19.39
CA LEU A 101 0.80 5.05 19.77
C LEU A 101 1.08 6.53 19.50
N VAL A 102 2.33 6.97 19.60
CA VAL A 102 2.66 8.33 19.21
C VAL A 102 2.55 8.50 17.68
N ALA A 103 3.05 7.52 16.93
CA ALA A 103 3.02 7.52 15.49
C ALA A 103 1.60 7.75 15.00
N SER A 104 0.65 6.98 15.55
CA SER A 104 -0.68 7.04 15.00
C SER A 104 -1.44 8.25 15.55
N SER A 105 -0.95 8.80 16.66
CA SER A 105 -1.52 10.05 17.18
C SER A 105 -1.19 11.18 16.22
N GLY A 106 0.02 11.16 15.66
CA GLY A 106 0.38 12.11 14.63
C GLY A 106 0.76 13.50 15.16
N THR A 107 1.00 13.65 16.47
CA THR A 107 1.37 14.97 16.99
C THR A 107 2.33 14.86 18.15
N LEU A 108 3.28 15.79 18.24
CA LEU A 108 4.13 15.94 19.43
C LEU A 108 3.73 17.18 20.24
N GLU A 109 2.50 17.68 20.02
CA GLU A 109 2.06 18.89 20.71
C GLU A 109 2.17 18.65 22.22
N PHE A 110 2.85 19.57 22.91
CA PHE A 110 3.12 19.42 24.33
C PHE A 110 2.51 20.60 25.08
N LYS A 111 1.99 20.35 26.30
CA LYS A 111 1.53 21.44 27.16
C LYS A 111 2.22 21.39 28.53
N ASN A 112 2.94 22.49 28.86
CA ASN A 112 3.56 22.65 30.17
C ASN A 112 2.50 22.59 31.25
N GLU A 113 2.84 21.88 32.33
CA GLU A 113 2.04 21.93 33.54
C GLU A 113 2.97 22.19 34.72
N SER A 114 2.42 22.85 35.73
CA SER A 114 3.17 23.25 36.91
C SER A 114 2.96 22.20 38.00
N PHE A 115 4.03 21.48 38.33
CA PHE A 115 3.92 20.53 39.42
C PHE A 115 4.54 21.16 40.66
N ASN A 116 4.05 20.73 41.82
CA ASN A 116 4.58 21.18 43.09
C ASN A 116 5.71 20.25 43.55
N TRP A 117 6.89 20.38 42.94
CA TRP A 117 8.02 19.59 43.42
C TRP A 117 8.64 20.28 44.63
N ALA A 118 7.96 20.14 45.77
CA ALA A 118 8.39 20.80 47.00
C ALA A 118 9.58 20.06 47.61
N GLY A 119 10.70 20.77 47.79
CA GLY A 119 11.75 20.25 48.65
C GLY A 119 12.86 19.49 47.93
N VAL A 120 12.81 19.50 46.58
CA VAL A 120 13.80 18.79 45.79
C VAL A 120 14.48 19.75 44.82
N THR A 121 15.68 19.39 44.38
CA THR A 121 16.33 20.08 43.27
C THR A 121 15.72 19.56 41.97
N GLN A 122 15.56 20.47 41.01
CA GLN A 122 15.00 20.17 39.70
C GLN A 122 16.10 20.35 38.67
N ASN A 123 15.79 19.94 37.43
CA ASN A 123 16.58 20.33 36.27
C ASN A 123 17.95 19.65 36.28
N GLY A 124 18.02 18.45 36.87
CA GLY A 124 19.20 17.61 36.75
C GLY A 124 19.73 17.50 35.31
N LYS A 125 21.06 17.49 35.18
CA LYS A 125 21.73 17.59 33.88
C LYS A 125 22.79 16.50 33.77
N SER A 126 23.27 16.28 32.55
CA SER A 126 24.31 15.29 32.30
C SER A 126 25.11 15.69 31.07
N SER A 127 26.42 15.38 31.07
CA SER A 127 27.25 15.67 29.90
C SER A 127 27.04 14.61 28.82
N SER A 128 26.21 13.59 29.12
CA SER A 128 25.82 12.62 28.10
C SER A 128 24.78 13.25 27.18
N CYS A 129 24.27 14.41 27.61
CA CYS A 129 23.18 15.09 26.93
C CYS A 129 23.50 16.58 26.77
N ILE A 130 24.28 16.93 25.74
CA ILE A 130 24.71 18.30 25.54
C ILE A 130 23.73 19.06 24.65
N ARG A 131 23.24 20.20 25.15
CA ARG A 131 22.33 21.02 24.35
C ARG A 131 23.11 22.13 23.65
N GLY A 132 23.40 23.22 24.36
CA GLY A 132 24.12 24.31 23.71
C GLY A 132 25.45 24.58 24.42
N SER A 133 26.44 23.73 24.15
CA SER A 133 27.76 23.76 24.79
C SER A 133 27.76 23.08 26.16
N SER A 134 26.61 23.02 26.84
CA SER A 134 26.62 22.57 28.23
C SER A 134 25.80 21.31 28.47
N SER A 135 26.05 20.69 29.62
CA SER A 135 25.28 19.59 30.16
C SER A 135 23.80 19.93 30.17
N SER A 136 22.98 19.02 29.63
CA SER A 136 21.55 19.26 29.54
C SER A 136 20.79 17.99 29.89
N PHE A 137 19.50 17.95 29.51
CA PHE A 137 18.69 16.76 29.70
C PHE A 137 17.56 16.72 28.66
N PHE A 138 16.84 15.58 28.59
CA PHE A 138 15.61 15.50 27.83
C PHE A 138 14.75 16.71 28.14
N SER A 139 14.37 17.46 27.11
CA SER A 139 13.66 18.72 27.26
C SER A 139 12.32 18.53 27.95
N ARG A 140 11.73 17.34 27.82
CA ARG A 140 10.36 17.18 28.29
C ARG A 140 10.37 16.53 29.67
N LEU A 141 11.57 16.21 30.17
CA LEU A 141 11.68 15.52 31.44
C LEU A 141 12.47 16.35 32.46
N ASN A 142 12.24 16.05 33.75
CA ASN A 142 12.71 16.88 34.83
C ASN A 142 13.40 15.99 35.86
N TRP A 143 14.73 16.01 35.85
CA TRP A 143 15.47 15.12 36.75
C TRP A 143 15.52 15.74 38.14
N LEU A 144 14.78 15.15 39.09
CA LEU A 144 14.73 15.59 40.47
C LEU A 144 15.77 14.85 41.31
N THR A 145 16.41 15.59 42.23
CA THR A 145 17.39 15.06 43.17
C THR A 145 17.24 15.75 44.52
N HIS A 146 18.14 15.44 45.46
CA HIS A 146 18.05 15.94 46.83
C HIS A 146 18.23 17.46 46.85
N LEU A 147 17.62 18.10 47.85
CA LEU A 147 17.92 19.49 48.17
C LEU A 147 18.40 19.53 49.62
N ASN A 148 19.67 19.93 49.82
CA ASN A 148 20.24 20.04 51.15
C ASN A 148 20.19 18.66 51.80
N TYR A 149 20.65 17.64 51.05
CA TYR A 149 20.73 16.23 51.44
C TYR A 149 19.39 15.68 51.94
N THR A 150 18.30 16.39 51.61
CA THR A 150 16.94 15.97 51.91
C THR A 150 16.23 15.66 50.59
N TYR A 151 15.54 14.51 50.53
CA TYR A 151 14.63 14.23 49.44
C TYR A 151 13.25 13.96 50.02
N PRO A 152 12.42 14.99 50.24
CA PRO A 152 11.12 14.83 50.89
C PRO A 152 10.07 14.21 49.98
N ALA A 153 9.49 13.08 50.42
CA ALA A 153 8.52 12.34 49.63
C ALA A 153 7.65 13.31 48.81
N LEU A 154 7.50 12.97 47.53
CA LEU A 154 6.65 13.72 46.63
C LEU A 154 5.28 13.05 46.58
N ASN A 155 4.24 13.89 46.41
CA ASN A 155 2.85 13.46 46.36
C ASN A 155 2.08 14.58 45.67
N VAL A 156 2.04 14.57 44.34
CA VAL A 156 1.43 15.64 43.57
C VAL A 156 0.27 15.09 42.74
N THR A 157 -0.69 15.95 42.44
CA THR A 157 -1.78 15.61 41.53
C THR A 157 -1.83 16.57 40.35
N MET A 158 -2.62 16.20 39.34
CA MET A 158 -2.93 17.03 38.20
C MET A 158 -4.22 16.50 37.59
N PRO A 159 -5.37 17.12 37.92
CA PRO A 159 -6.65 16.69 37.36
C PRO A 159 -6.61 16.94 35.87
N ASN A 160 -7.32 16.10 35.12
CA ASN A 160 -7.55 16.35 33.71
C ASN A 160 -8.89 17.08 33.59
N LYS A 161 -8.84 18.41 33.61
CA LYS A 161 -10.03 19.23 33.44
C LYS A 161 -10.37 19.37 31.94
N GLU A 162 -9.56 18.73 31.09
CA GLU A 162 -9.70 18.90 29.65
C GLU A 162 -10.83 18.04 29.11
N GLN A 163 -11.03 18.15 27.80
CA GLN A 163 -12.04 17.41 27.05
C GLN A 163 -11.43 16.16 26.43
N PHE A 164 -10.08 16.10 26.40
CA PHE A 164 -9.35 15.08 25.67
C PHE A 164 -8.43 14.34 26.64
N ASP A 165 -7.85 13.23 26.17
CA ASP A 165 -6.90 12.45 26.94
C ASP A 165 -5.54 13.16 27.03
N LYS A 166 -4.83 12.96 28.13
CA LYS A 166 -3.46 13.44 28.22
C LYS A 166 -2.51 12.24 28.26
N LEU A 167 -1.38 12.39 27.56
CA LEU A 167 -0.34 11.38 27.62
C LEU A 167 0.80 11.98 28.41
N TYR A 168 1.12 11.34 29.54
CA TYR A 168 2.27 11.73 30.33
C TYR A 168 3.43 10.77 30.09
N ILE A 169 4.60 11.36 29.85
CA ILE A 169 5.84 10.61 29.76
C ILE A 169 6.66 10.93 31.01
N TRP A 170 7.08 9.88 31.71
CA TRP A 170 7.92 9.95 32.89
C TRP A 170 8.92 8.79 32.93
N GLY A 171 9.75 8.78 33.97
CA GLY A 171 10.80 7.79 34.04
C GLY A 171 11.22 7.47 35.46
N VAL A 172 12.12 6.48 35.57
CA VAL A 172 12.79 6.13 36.81
C VAL A 172 14.29 6.04 36.51
N HIS A 173 15.11 6.64 37.39
CA HIS A 173 16.55 6.59 37.25
C HIS A 173 17.08 5.36 37.99
N HIS A 174 17.95 4.59 37.30
CA HIS A 174 18.64 3.46 37.88
C HIS A 174 20.09 3.86 38.09
N PRO A 175 20.50 4.23 39.32
CA PRO A 175 21.90 4.57 39.57
C PRO A 175 22.75 3.30 39.53
N ASP A 176 24.03 3.48 39.16
CA ASP A 176 24.97 2.37 39.08
C ASP A 176 25.28 1.79 40.47
N THR A 177 25.29 2.63 41.50
CA THR A 177 25.70 2.20 42.85
C THR A 177 24.78 2.74 43.94
N ASP A 178 24.78 2.05 45.09
CA ASP A 178 24.09 2.45 46.31
C ASP A 178 24.61 3.80 46.79
N LYS A 179 25.90 4.07 46.51
CA LYS A 179 26.55 5.34 46.82
C LYS A 179 25.94 6.47 46.01
N ASN A 180 25.89 6.28 44.69
CA ASN A 180 25.27 7.25 43.80
C ASN A 180 23.78 7.37 44.14
N GLN A 181 23.17 6.25 44.58
CA GLN A 181 21.78 6.24 45.00
C GLN A 181 21.60 7.27 46.11
N ILE A 182 22.44 7.15 47.15
CA ILE A 182 22.44 8.03 48.31
C ILE A 182 22.74 9.47 47.88
N SER A 183 23.83 9.67 47.16
CA SER A 183 24.24 11.03 46.85
C SER A 183 23.25 11.74 45.93
N LEU A 184 22.40 10.96 45.23
CA LEU A 184 21.40 11.57 44.35
C LEU A 184 20.11 11.88 45.11
N TYR A 185 19.63 10.91 45.93
CA TYR A 185 18.27 10.97 46.47
C TYR A 185 18.27 10.77 47.98
N ALA A 186 19.46 10.76 48.60
CA ALA A 186 19.59 10.86 50.05
C ALA A 186 18.76 9.79 50.74
N GLN A 187 18.78 8.58 50.19
CA GLN A 187 17.77 7.58 50.46
C GLN A 187 18.24 6.25 49.84
N PRO A 188 18.12 5.10 50.55
CA PRO A 188 18.55 3.83 49.97
C PRO A 188 17.52 3.23 49.01
N SER A 189 16.23 3.37 49.34
CA SER A 189 15.12 2.74 48.63
C SER A 189 14.90 3.40 47.27
N GLY A 190 13.96 4.34 47.22
CA GLY A 190 13.47 4.89 45.97
C GLY A 190 12.29 4.07 45.46
N ARG A 191 11.11 4.69 45.39
CA ARG A 191 9.95 4.01 44.88
C ARG A 191 9.07 5.01 44.13
N ILE A 192 8.38 4.53 43.08
CA ILE A 192 7.52 5.38 42.28
C ILE A 192 6.18 4.70 42.11
N THR A 193 5.10 5.43 42.39
CA THR A 193 3.73 5.06 42.10
C THR A 193 3.09 6.21 41.33
N VAL A 194 2.61 5.91 40.11
CA VAL A 194 1.86 6.87 39.32
C VAL A 194 0.50 6.23 39.05
N SER A 195 -0.57 6.99 39.32
CA SER A 195 -1.88 6.37 39.35
C SER A 195 -2.97 7.35 38.94
N THR A 196 -4.13 6.75 38.65
CA THR A 196 -5.35 7.47 38.27
C THR A 196 -6.50 6.69 38.89
N LYS A 197 -7.75 7.13 38.65
CA LYS A 197 -8.89 6.35 39.09
C LYS A 197 -8.98 5.05 38.29
N ARG A 198 -8.19 4.95 37.23
CA ARG A 198 -8.39 3.86 36.27
C ARG A 198 -7.17 2.94 36.25
N SER A 199 -6.02 3.40 36.73
CA SER A 199 -4.79 2.63 36.57
C SER A 199 -3.78 2.95 37.66
N GLN A 200 -2.82 2.05 37.79
CA GLN A 200 -1.71 2.28 38.70
C GLN A 200 -0.46 1.63 38.11
N GLN A 201 0.68 2.31 38.21
CA GLN A 201 1.96 1.76 37.79
C GLN A 201 2.95 2.07 38.90
N ALA A 202 3.70 1.06 39.32
CA ALA A 202 4.63 1.20 40.44
C ALA A 202 5.97 0.66 40.00
N VAL A 203 7.05 1.38 40.33
CA VAL A 203 8.36 1.06 39.80
C VAL A 203 9.36 1.29 40.94
N ILE A 204 10.23 0.29 41.18
CA ILE A 204 11.40 0.52 42.02
C ILE A 204 12.64 0.48 41.15
N PRO A 205 13.62 1.38 41.40
CA PRO A 205 14.89 1.34 40.67
C PRO A 205 15.65 0.06 40.95
N ASN A 206 16.52 -0.31 40.00
CA ASN A 206 17.41 -1.46 40.11
C ASN A 206 18.84 -0.93 39.98
N ILE A 207 19.54 -0.97 41.11
CA ILE A 207 20.89 -0.42 41.23
C ILE A 207 21.86 -1.46 40.68
N GLY A 208 22.93 -0.98 40.02
CA GLY A 208 23.93 -1.82 39.37
C GLY A 208 24.55 -1.11 38.16
N SER A 209 25.81 -1.45 37.85
CA SER A 209 26.51 -0.99 36.67
C SER A 209 25.92 -1.65 35.44
N ARG A 210 25.59 -0.82 34.44
CA ARG A 210 25.37 -1.22 33.07
C ARG A 210 26.57 -0.70 32.27
N PRO A 211 26.90 -1.24 31.09
CA PRO A 211 28.03 -0.72 30.30
C PRO A 211 27.83 0.75 29.98
N ARG A 212 28.95 1.48 29.94
CA ARG A 212 28.92 2.94 29.87
C ARG A 212 28.53 3.39 28.48
N ILE A 213 27.68 4.42 28.43
CA ILE A 213 27.29 5.06 27.19
C ILE A 213 27.45 6.56 27.40
N ARG A 214 28.24 7.20 26.53
CA ARG A 214 28.68 8.56 26.77
C ARG A 214 29.09 8.69 28.24
N ASP A 215 29.82 7.67 28.72
CA ASP A 215 30.45 7.65 30.04
C ASP A 215 29.43 7.51 31.19
N ILE A 216 28.19 7.10 30.88
CA ILE A 216 27.19 6.94 31.92
C ILE A 216 26.94 5.44 32.10
N PRO A 217 27.25 4.87 33.29
CA PRO A 217 26.90 3.49 33.61
C PRO A 217 25.52 3.38 34.25
N SER A 218 24.89 4.53 34.50
CA SER A 218 23.52 4.56 34.96
C SER A 218 22.55 4.51 33.79
N ARG A 219 21.25 4.35 34.09
CA ARG A 219 20.27 4.25 33.03
C ARG A 219 18.92 4.77 33.53
N ILE A 220 18.12 5.31 32.59
CA ILE A 220 16.73 5.68 32.85
C ILE A 220 15.82 4.69 32.13
N SER A 221 14.69 4.34 32.76
CA SER A 221 13.61 3.60 32.11
C SER A 221 12.43 4.52 31.92
N ILE A 222 11.85 4.53 30.70
CA ILE A 222 10.76 5.41 30.38
C ILE A 222 9.42 4.68 30.46
N TYR A 223 8.43 5.35 31.06
CA TYR A 223 7.06 4.84 31.19
C TYR A 223 6.08 5.92 30.75
N TRP A 224 4.82 5.52 30.55
CA TRP A 224 3.82 6.47 30.13
C TRP A 224 2.50 6.14 30.80
N THR A 225 1.63 7.14 30.86
CA THR A 225 0.30 6.92 31.40
C THR A 225 -0.67 7.91 30.76
N ILE A 226 -1.86 7.41 30.46
CA ILE A 226 -2.89 8.18 29.78
C ILE A 226 -3.94 8.55 30.81
N VAL A 227 -4.28 9.85 30.86
CA VAL A 227 -5.24 10.32 31.83
C VAL A 227 -6.49 10.76 31.06
N LYS A 228 -7.60 10.08 31.33
CA LYS A 228 -8.88 10.34 30.68
C LYS A 228 -9.46 11.64 31.23
N PRO A 229 -10.36 12.34 30.49
CA PRO A 229 -11.09 13.50 31.03
C PRO A 229 -11.85 13.18 32.31
N GLY A 230 -11.76 14.07 33.31
CA GLY A 230 -12.41 13.90 34.60
C GLY A 230 -11.56 13.07 35.57
N ASP A 231 -10.45 12.51 35.08
CA ASP A 231 -9.57 11.69 35.90
C ASP A 231 -8.44 12.58 36.41
N ILE A 232 -7.52 11.99 37.18
CA ILE A 232 -6.53 12.72 37.96
C ILE A 232 -5.22 11.92 37.92
N LEU A 233 -4.13 12.62 37.61
CA LEU A 233 -2.81 12.00 37.77
C LEU A 233 -2.36 12.20 39.21
N LEU A 234 -1.87 11.12 39.83
CA LEU A 234 -1.30 11.25 41.16
C LEU A 234 0.08 10.59 41.15
N ILE A 235 1.12 11.40 41.37
CA ILE A 235 2.49 10.94 41.43
C ILE A 235 3.00 11.02 42.86
N ASN A 236 3.29 9.86 43.42
CA ASN A 236 3.70 9.65 44.81
C ASN A 236 5.06 8.96 44.77
N SER A 237 6.13 9.68 45.11
CA SER A 237 7.47 9.14 45.00
C SER A 237 8.39 9.61 46.14
N THR A 238 9.34 8.74 46.52
CA THR A 238 10.35 9.10 47.53
C THR A 238 11.74 8.97 46.93
N GLY A 239 11.84 9.12 45.61
CA GLY A 239 13.15 9.13 44.97
C GLY A 239 13.16 8.39 43.64
N ASN A 240 14.05 8.83 42.75
CA ASN A 240 14.42 8.18 41.51
C ASN A 240 13.49 8.60 40.38
N LEU A 241 12.54 9.49 40.68
CA LEU A 241 11.56 9.94 39.71
C LEU A 241 12.22 10.86 38.68
N ILE A 242 12.12 10.49 37.39
CA ILE A 242 12.34 11.40 36.27
C ILE A 242 10.97 11.94 35.90
N ALA A 243 10.74 13.23 36.16
CA ALA A 243 9.36 13.69 36.23
C ALA A 243 8.95 14.29 34.90
N PRO A 244 7.63 14.30 34.59
CA PRO A 244 7.13 15.00 33.41
C PRO A 244 7.05 16.50 33.67
N ARG A 245 7.11 17.29 32.59
CA ARG A 245 7.00 18.75 32.64
C ARG A 245 5.66 19.17 32.07
N GLY A 246 4.82 18.17 31.74
CA GLY A 246 3.52 18.43 31.15
C GLY A 246 3.00 17.19 30.41
N TYR A 247 2.11 17.41 29.45
CA TYR A 247 1.50 16.29 28.75
C TYR A 247 1.55 16.53 27.24
N PHE A 248 1.43 15.42 26.51
CA PHE A 248 1.24 15.45 25.07
C PHE A 248 -0.24 15.24 24.83
N LYS A 249 -0.79 15.89 23.80
CA LYS A 249 -2.11 15.52 23.32
C LYS A 249 -1.98 14.15 22.69
N ILE A 250 -2.96 13.30 22.92
CA ILE A 250 -2.99 12.05 22.19
C ILE A 250 -4.27 12.06 21.36
N ARG A 251 -4.09 11.98 20.04
CA ARG A 251 -5.17 12.05 19.07
C ARG A 251 -5.39 10.67 18.45
N SER A 252 -6.48 10.55 17.70
CA SER A 252 -6.73 9.35 16.93
C SER A 252 -7.03 9.74 15.49
N GLY A 253 -6.12 9.39 14.59
CA GLY A 253 -6.25 9.70 13.19
C GLY A 253 -5.55 8.64 12.35
N LYS A 254 -5.12 9.04 11.16
CA LYS A 254 -4.63 8.15 10.13
C LYS A 254 -3.11 8.21 10.09
N SER A 255 -2.49 8.78 11.13
CA SER A 255 -1.05 9.04 11.07
C SER A 255 -0.28 7.74 11.27
N SER A 256 0.94 7.70 10.75
CA SER A 256 1.76 6.53 11.02
C SER A 256 3.23 6.92 10.95
N ILE A 257 4.08 5.90 10.98
CA ILE A 257 5.52 6.02 10.91
C ILE A 257 6.01 4.93 9.97
N MET A 258 7.13 5.21 9.29
CA MET A 258 7.75 4.29 8.36
C MET A 258 9.26 4.47 8.39
N ARG A 259 10.00 3.37 8.41
CA ARG A 259 11.45 3.36 8.29
C ARG A 259 11.82 3.36 6.82
N SER A 260 12.61 4.36 6.42
CA SER A 260 12.93 4.56 5.01
C SER A 260 14.14 5.46 4.90
N ASP A 261 14.91 5.26 3.84
CA ASP A 261 16.10 6.07 3.61
C ASP A 261 15.91 6.81 2.30
N ALA A 262 14.70 6.70 1.74
CA ALA A 262 14.36 7.36 0.49
C ALA A 262 14.26 8.87 0.71
N PRO A 263 14.75 9.71 -0.23
CA PRO A 263 14.67 11.16 -0.05
C PRO A 263 13.23 11.62 -0.29
N ILE A 264 12.86 12.74 0.34
CA ILE A 264 11.56 13.36 0.07
C ILE A 264 11.66 14.21 -1.17
N GLY A 265 10.63 14.17 -2.01
CA GLY A 265 10.65 14.96 -3.22
C GLY A 265 9.38 15.78 -3.38
N LYS A 266 9.45 16.77 -4.27
CA LYS A 266 8.30 17.63 -4.52
C LYS A 266 7.54 17.04 -5.69
N CYS A 267 6.58 16.19 -5.38
CA CYS A 267 5.75 15.51 -6.36
C CYS A 267 4.53 15.00 -5.63
N LYS A 268 3.61 14.39 -6.37
CA LYS A 268 2.35 13.96 -5.80
C LYS A 268 2.18 12.46 -6.02
N SER A 269 1.86 11.74 -4.94
CA SER A 269 1.61 10.31 -5.08
C SER A 269 0.90 9.79 -3.84
N GLU A 270 -0.22 9.10 -4.09
CA GLU A 270 -1.11 8.64 -3.03
C GLU A 270 -0.47 7.53 -2.19
N CYS A 271 0.33 6.65 -2.81
CA CYS A 271 0.85 5.46 -2.14
C CYS A 271 2.35 5.61 -1.85
N ILE A 272 2.74 5.35 -0.58
CA ILE A 272 4.14 5.45 -0.19
C ILE A 272 4.63 4.09 0.31
N THR A 273 5.87 3.76 -0.05
CA THR A 273 6.58 2.58 0.44
C THR A 273 7.98 3.02 0.88
N PRO A 274 8.69 2.25 1.73
CA PRO A 274 10.06 2.60 2.11
C PRO A 274 10.98 2.86 0.91
N ASN A 275 10.65 2.26 -0.23
CA ASN A 275 11.47 2.37 -1.44
C ASN A 275 11.21 3.72 -2.13
N GLY A 276 10.11 4.37 -1.76
CA GLY A 276 9.64 5.53 -2.47
C GLY A 276 8.17 5.34 -2.84
N SER A 277 7.55 6.39 -3.35
CA SER A 277 6.18 6.36 -3.81
C SER A 277 6.10 5.47 -5.06
N ILE A 278 4.93 4.88 -5.25
CA ILE A 278 4.64 4.02 -6.39
C ILE A 278 3.28 4.47 -6.92
N PRO A 279 3.06 4.43 -8.24
CA PRO A 279 1.75 4.69 -8.80
C PRO A 279 0.75 3.67 -8.26
N ASN A 280 -0.53 4.05 -8.20
CA ASN A 280 -1.50 3.15 -7.61
C ASN A 280 -2.58 2.81 -8.64
N ASP A 281 -2.30 2.96 -9.93
CA ASP A 281 -3.27 2.58 -10.95
C ASP A 281 -3.50 1.06 -10.96
N LYS A 282 -2.44 0.26 -10.74
CA LYS A 282 -2.56 -1.21 -10.78
C LYS A 282 -3.12 -1.76 -9.46
N PRO A 283 -3.83 -2.91 -9.48
CA PRO A 283 -4.41 -3.46 -8.24
C PRO A 283 -3.43 -4.19 -7.33
N PHE A 284 -2.21 -4.44 -7.82
CA PHE A 284 -1.27 -5.22 -7.07
C PHE A 284 0.10 -4.58 -7.25
N GLN A 285 1.00 -4.89 -6.31
CA GLN A 285 2.34 -4.36 -6.38
C GLN A 285 3.26 -5.35 -5.69
N ASN A 286 4.52 -5.29 -6.08
CA ASN A 286 5.51 -6.23 -5.60
C ASN A 286 6.70 -5.45 -5.07
N VAL A 287 6.51 -4.15 -4.81
CA VAL A 287 7.61 -3.29 -4.39
C VAL A 287 7.91 -3.50 -2.90
N ASN A 288 6.88 -3.47 -2.03
CA ASN A 288 7.16 -3.59 -0.61
C ASN A 288 5.87 -3.95 0.13
N ARG A 289 5.97 -4.82 1.13
CA ARG A 289 4.79 -5.13 1.93
C ARG A 289 4.48 -3.97 2.90
N ILE A 290 5.46 -3.11 3.18
CA ILE A 290 5.20 -1.92 3.98
C ILE A 290 4.68 -0.80 3.09
N THR A 291 3.47 -0.30 3.38
CA THR A 291 2.87 0.74 2.55
C THR A 291 2.07 1.70 3.43
N TYR A 292 1.78 2.89 2.87
CA TYR A 292 0.99 3.91 3.52
C TYR A 292 0.22 4.65 2.44
N GLY A 293 -1.09 4.82 2.65
CA GLY A 293 -1.93 5.52 1.68
C GLY A 293 -2.78 4.57 0.84
N ALA A 294 -3.29 5.09 -0.29
CA ALA A 294 -4.15 4.28 -1.15
C ALA A 294 -3.25 3.49 -2.09
N CYS A 295 -3.01 2.21 -1.75
CA CYS A 295 -1.89 1.45 -2.31
C CYS A 295 -2.38 0.15 -2.94
N PRO A 296 -1.75 -0.31 -4.05
CA PRO A 296 -2.02 -1.64 -4.60
C PRO A 296 -1.65 -2.67 -3.53
N ARG A 297 -2.28 -3.85 -3.58
CA ARG A 297 -2.01 -4.87 -2.57
C ARG A 297 -0.72 -5.63 -2.89
N TYR A 298 0.04 -5.92 -1.83
CA TYR A 298 1.34 -6.55 -2.06
C TYR A 298 1.14 -8.03 -2.38
N VAL A 299 1.82 -8.49 -3.44
CA VAL A 299 1.82 -9.88 -3.87
C VAL A 299 3.26 -10.35 -4.11
N LYS A 300 3.46 -11.67 -4.20
CA LYS A 300 4.78 -12.24 -4.44
C LYS A 300 5.16 -12.13 -5.92
N GLN A 301 4.19 -12.13 -6.85
CA GLN A 301 4.49 -12.21 -8.27
C GLN A 301 5.10 -10.91 -8.75
N SER A 302 6.08 -10.99 -9.65
CA SER A 302 6.73 -9.79 -10.15
C SER A 302 5.98 -9.29 -11.37
N THR A 303 5.14 -10.15 -11.96
CA THR A 303 4.32 -9.73 -13.09
C THR A 303 3.05 -10.59 -13.17
N LEU A 304 1.95 -9.98 -13.63
CA LEU A 304 0.69 -10.67 -13.92
C LEU A 304 0.03 -9.89 -15.05
N LYS A 305 -0.05 -10.52 -16.20
CA LYS A 305 -0.48 -9.86 -17.41
C LYS A 305 -1.95 -10.20 -17.62
N LEU A 306 -2.75 -9.13 -17.76
CA LEU A 306 -4.16 -9.25 -18.07
C LEU A 306 -4.36 -9.01 -19.56
N ALA A 307 -4.82 -10.05 -20.27
CA ALA A 307 -5.18 -9.99 -21.68
C ALA A 307 -6.19 -8.88 -21.92
N THR A 308 -5.90 -8.06 -22.94
CA THR A 308 -6.80 -6.98 -23.31
C THR A 308 -7.06 -7.12 -24.80
N GLY A 309 -6.81 -8.32 -25.35
CA GLY A 309 -7.14 -8.59 -26.73
C GLY A 309 -7.36 -10.08 -26.93
N MET A 310 -7.81 -10.44 -28.13
CA MET A 310 -8.10 -11.82 -28.49
C MET A 310 -6.78 -12.60 -28.62
N ARG A 311 -6.92 -13.94 -28.68
CA ARG A 311 -5.82 -14.81 -29.02
C ARG A 311 -5.16 -14.29 -30.31
N ASN A 312 -3.83 -14.28 -30.35
CA ASN A 312 -3.15 -13.73 -31.51
C ASN A 312 -2.77 -14.89 -32.44
N VAL A 313 -3.27 -14.87 -33.67
CA VAL A 313 -3.00 -15.98 -34.57
C VAL A 313 -2.35 -15.41 -35.83
N PRO A 314 -1.00 -15.23 -35.82
CA PRO A 314 -0.28 -14.51 -36.88
C PRO A 314 -0.46 -15.06 -38.31
N GLU A 315 -0.33 -14.14 -39.29
CA GLU A 315 -0.55 -14.24 -40.73
C GLU A 315 -1.59 -13.19 -41.16
N GLY A 320 -10.27 -21.36 -28.30
CA GLY A 320 -11.28 -21.12 -27.24
C GLY A 320 -12.49 -22.00 -27.49
N ILE A 321 -13.46 -21.88 -26.58
CA ILE A 321 -14.58 -22.81 -26.52
C ILE A 321 -15.52 -22.54 -27.67
N PHE A 322 -15.36 -21.42 -28.41
CA PHE A 322 -16.30 -21.18 -29.49
C PHE A 322 -15.81 -21.72 -30.83
N GLY A 323 -14.52 -22.07 -30.97
CA GLY A 323 -14.08 -22.77 -32.17
C GLY A 323 -13.84 -21.87 -33.40
N ALA A 324 -13.97 -20.54 -33.26
CA ALA A 324 -13.79 -19.66 -34.41
C ALA A 324 -12.34 -19.20 -34.51
N ILE A 325 -11.90 -18.35 -33.56
CA ILE A 325 -10.53 -17.83 -33.54
C ILE A 325 -9.58 -18.97 -33.17
N ALA A 326 -8.51 -19.18 -33.97
CA ALA A 326 -7.63 -20.34 -33.85
C ALA A 326 -8.44 -21.62 -34.04
N GLY A 327 -9.53 -21.52 -34.82
CA GLY A 327 -10.44 -22.64 -35.03
C GLY A 327 -10.77 -22.77 -36.51
N PHE A 328 -12.05 -22.62 -36.88
CA PHE A 328 -12.41 -22.73 -38.28
C PHE A 328 -11.89 -21.54 -39.11
N ILE A 329 -11.56 -20.43 -38.44
CA ILE A 329 -10.83 -19.34 -39.08
C ILE A 329 -9.35 -19.65 -38.92
N GLU A 330 -8.67 -19.92 -40.05
CA GLU A 330 -7.32 -20.44 -39.98
C GLU A 330 -6.37 -19.47 -39.27
N ASN A 331 -6.44 -18.17 -39.57
CA ASN A 331 -5.57 -17.23 -38.87
C ASN A 331 -6.11 -15.80 -38.87
N GLY A 332 -5.42 -14.94 -38.11
CA GLY A 332 -5.80 -13.53 -38.03
C GLY A 332 -5.29 -12.76 -39.25
N TRP A 333 -5.75 -11.51 -39.41
CA TRP A 333 -5.35 -10.63 -40.49
C TRP A 333 -4.52 -9.48 -39.91
N GLU A 334 -3.21 -9.51 -40.13
CA GLU A 334 -2.35 -8.43 -39.63
C GLU A 334 -2.61 -7.16 -40.43
N GLY A 335 -3.14 -7.32 -41.64
CA GLY A 335 -3.43 -6.14 -42.45
C GLY A 335 -4.71 -5.42 -42.01
N MET A 336 -5.42 -5.98 -41.02
CA MET A 336 -6.61 -5.26 -40.58
C MET A 336 -6.31 -4.49 -39.31
N VAL A 337 -6.27 -3.15 -39.45
CA VAL A 337 -5.71 -2.29 -38.43
C VAL A 337 -6.74 -1.27 -37.99
N ASP A 338 -7.94 -1.32 -38.57
CA ASP A 338 -8.95 -0.38 -38.14
C ASP A 338 -10.10 -1.10 -37.42
N GLY A 339 -9.93 -2.39 -37.11
CA GLY A 339 -10.99 -3.11 -36.41
C GLY A 339 -10.50 -4.46 -35.92
N TRP A 340 -11.32 -5.11 -35.07
CA TRP A 340 -10.93 -6.38 -34.47
C TRP A 340 -11.46 -7.53 -35.33
N TYR A 341 -12.66 -7.33 -35.88
CA TYR A 341 -13.33 -8.28 -36.75
C TYR A 341 -13.68 -7.57 -38.03
N GLY A 342 -13.79 -8.33 -39.12
CA GLY A 342 -14.23 -7.74 -40.37
C GLY A 342 -14.45 -8.77 -41.49
N PHE A 343 -14.53 -8.23 -42.70
CA PHE A 343 -14.88 -8.96 -43.90
C PHE A 343 -13.82 -8.71 -44.98
N ARG A 344 -13.44 -9.81 -45.64
CA ARG A 344 -12.73 -9.74 -46.90
C ARG A 344 -13.61 -10.39 -47.95
N HIS A 345 -13.69 -9.74 -49.12
CA HIS A 345 -14.50 -10.27 -50.21
C HIS A 345 -13.69 -10.30 -51.50
N GLN A 346 -14.13 -11.16 -52.41
CA GLN A 346 -13.76 -11.10 -53.81
C GLN A 346 -15.05 -11.16 -54.61
N ASN A 347 -15.26 -10.17 -55.49
CA ASN A 347 -16.40 -10.17 -56.39
C ASN A 347 -15.90 -9.74 -57.77
N SER A 348 -16.84 -9.42 -58.67
CA SER A 348 -16.52 -9.03 -60.04
C SER A 348 -15.75 -7.70 -60.09
N GLU A 349 -15.92 -6.82 -59.08
CA GLU A 349 -15.26 -5.52 -59.06
C GLU A 349 -13.89 -5.55 -58.37
N GLY A 350 -13.42 -6.70 -57.86
CA GLY A 350 -12.14 -6.73 -57.15
C GLY A 350 -12.15 -7.46 -55.79
N ARG A 351 -11.21 -7.08 -54.91
CA ARG A 351 -10.97 -7.72 -53.61
C ARG A 351 -10.72 -6.65 -52.55
N GLY A 352 -11.38 -6.77 -51.39
CA GLY A 352 -11.33 -5.73 -50.40
C GLY A 352 -11.49 -6.23 -48.96
N GLN A 353 -11.36 -5.29 -48.02
CA GLN A 353 -11.32 -5.54 -46.59
C GLN A 353 -12.03 -4.38 -45.91
N ALA A 354 -12.87 -4.70 -44.93
CA ALA A 354 -13.61 -3.73 -44.14
C ALA A 354 -13.78 -4.29 -42.73
N ALA A 355 -13.52 -3.44 -41.73
CA ALA A 355 -13.76 -3.72 -40.33
C ALA A 355 -15.27 -3.78 -40.04
N ASP A 356 -15.68 -4.61 -39.08
CA ASP A 356 -17.04 -4.54 -38.56
C ASP A 356 -16.99 -3.81 -37.22
N LEU A 357 -17.72 -2.71 -37.12
CA LEU A 357 -17.59 -1.82 -35.98
C LEU A 357 -18.35 -2.36 -34.77
N LYS A 358 -19.57 -2.86 -34.98
CA LYS A 358 -20.41 -3.27 -33.86
C LYS A 358 -19.75 -4.39 -33.06
N SER A 359 -19.21 -5.40 -33.76
CA SER A 359 -18.61 -6.55 -33.09
C SER A 359 -17.29 -6.13 -32.46
N THR A 360 -16.58 -5.23 -33.15
CA THR A 360 -15.32 -4.74 -32.58
C THR A 360 -15.60 -4.02 -31.27
N GLN A 361 -16.63 -3.18 -31.28
CA GLN A 361 -17.01 -2.36 -30.13
C GLN A 361 -17.56 -3.24 -29.00
N ALA A 362 -18.24 -4.34 -29.35
CA ALA A 362 -18.74 -5.26 -28.33
C ALA A 362 -17.59 -5.89 -27.55
N ALA A 363 -16.50 -6.26 -28.25
CA ALA A 363 -15.40 -6.94 -27.60
C ALA A 363 -14.66 -5.94 -26.73
N ILE A 364 -14.42 -4.75 -27.30
CA ILE A 364 -13.71 -3.68 -26.62
C ILE A 364 -14.46 -3.22 -25.36
N ASP A 365 -15.78 -3.03 -25.45
CA ASP A 365 -16.56 -2.60 -24.29
C ASP A 365 -16.46 -3.63 -23.15
N GLN A 366 -16.51 -4.93 -23.47
CA GLN A 366 -16.42 -5.96 -22.44
C GLN A 366 -15.06 -5.90 -21.75
N ILE A 367 -14.01 -5.70 -22.56
CA ILE A 367 -12.66 -5.68 -22.02
C ILE A 367 -12.49 -4.42 -21.18
N ASN A 368 -13.00 -3.27 -21.68
CA ASN A 368 -12.92 -2.03 -20.92
C ASN A 368 -13.66 -2.19 -19.59
N GLY A 369 -14.79 -2.90 -19.62
CA GLY A 369 -15.55 -3.25 -18.41
C GLY A 369 -14.68 -3.96 -17.37
N LYS A 370 -13.91 -4.98 -17.79
CA LYS A 370 -13.01 -5.68 -16.88
C LYS A 370 -11.97 -4.73 -16.32
N LEU A 371 -11.42 -3.89 -17.20
CA LEU A 371 -10.36 -2.98 -16.79
C LEU A 371 -10.86 -1.97 -15.75
N ASN A 372 -12.08 -1.44 -15.96
CA ASN A 372 -12.66 -0.47 -15.04
C ASN A 372 -12.87 -1.09 -13.65
N ARG A 373 -13.15 -2.40 -13.58
CA ARG A 373 -13.28 -3.03 -12.29
C ARG A 373 -11.90 -3.18 -11.63
N LEU A 374 -10.81 -3.26 -12.40
CA LEU A 374 -9.53 -3.65 -11.79
C LEU A 374 -8.53 -2.49 -11.68
N ILE A 375 -8.71 -1.42 -12.46
CA ILE A 375 -7.70 -0.36 -12.54
C ILE A 375 -8.18 0.85 -11.74
N GLY A 376 -7.24 1.50 -11.02
CA GLY A 376 -7.52 2.67 -10.20
C GLY A 376 -8.52 2.39 -9.09
N LYS A 377 -8.44 1.20 -8.49
CA LYS A 377 -9.49 0.82 -7.55
C LYS A 377 -8.94 0.59 -6.13
N THR A 378 -7.67 0.98 -5.89
CA THR A 378 -6.92 0.57 -4.72
C THR A 378 -7.55 1.04 -3.40
N ASN A 379 -7.17 0.35 -2.32
CA ASN A 379 -7.72 0.49 -0.99
C ASN A 379 -6.74 1.30 -0.13
N GLU A 380 -7.29 2.15 0.74
CA GLU A 380 -6.52 3.03 1.60
C GLU A 380 -6.25 2.39 2.96
N LYS A 381 -4.95 2.31 3.34
CA LYS A 381 -4.51 1.81 4.63
C LYS A 381 -3.52 2.80 5.28
N PHE A 382 -3.58 2.92 6.60
CA PHE A 382 -2.75 3.89 7.30
C PHE A 382 -1.80 3.17 8.26
N HIS A 383 -1.98 3.38 9.57
CA HIS A 383 -1.14 2.71 10.56
C HIS A 383 -1.49 1.22 10.59
N GLN A 384 -0.47 0.39 10.40
CA GLN A 384 -0.64 -1.05 10.24
C GLN A 384 0.14 -1.73 11.37
N ILE A 385 0.64 -2.96 11.13
CA ILE A 385 1.57 -3.60 12.07
C ILE A 385 2.97 -3.43 11.49
N GLU A 386 3.99 -3.67 12.32
CA GLU A 386 5.37 -3.75 11.84
C GLU A 386 5.58 -5.05 11.08
N LYS A 387 6.48 -4.99 10.08
CA LYS A 387 6.67 -6.06 9.11
C LYS A 387 8.14 -6.42 8.93
N GLU A 388 9.03 -5.65 9.56
CA GLU A 388 10.43 -6.02 9.61
C GLU A 388 10.93 -5.84 11.03
N PHE A 389 11.90 -6.66 11.42
CA PHE A 389 12.35 -6.66 12.80
C PHE A 389 13.86 -6.81 12.84
N SER A 390 14.49 -6.03 13.71
CA SER A 390 15.94 -5.99 13.76
C SER A 390 16.47 -6.94 14.83
N GLU A 391 15.59 -7.49 15.69
CA GLU A 391 15.98 -8.33 16.81
C GLU A 391 14.98 -9.45 17.06
N VAL A 392 15.51 -10.64 17.41
CA VAL A 392 14.74 -11.80 17.84
C VAL A 392 13.94 -11.43 19.09
N GLU A 393 12.66 -11.80 19.12
CA GLU A 393 11.77 -11.44 20.23
C GLU A 393 10.87 -12.62 20.62
N GLY A 394 10.72 -13.62 19.76
CA GLY A 394 9.83 -14.71 20.11
C GLY A 394 8.36 -14.46 19.73
N ARG A 395 7.46 -14.90 20.63
CA ARG A 395 6.11 -15.36 20.36
C ARG A 395 5.30 -14.36 19.56
N VAL A 396 5.23 -13.11 20.04
CA VAL A 396 4.43 -12.06 19.42
C VAL A 396 4.96 -11.70 18.03
N GLN A 397 6.29 -11.62 17.90
CA GLN A 397 6.91 -11.33 16.64
C GLN A 397 6.64 -12.49 15.67
N ASP A 398 6.69 -13.73 16.18
CA ASP A 398 6.38 -14.87 15.33
C ASP A 398 4.96 -14.73 14.78
N LEU A 399 4.00 -14.27 15.61
CA LEU A 399 2.62 -14.09 15.17
C LEU A 399 2.50 -12.91 14.18
N GLU A 400 3.16 -11.79 14.48
CA GLU A 400 3.16 -10.65 13.56
C GLU A 400 3.63 -11.07 12.17
N LYS A 401 4.67 -11.89 12.10
CA LYS A 401 5.22 -12.24 10.81
C LYS A 401 4.30 -13.25 10.15
N TYR A 402 3.74 -14.16 10.97
CA TYR A 402 2.91 -15.22 10.41
C TYR A 402 1.65 -14.62 9.80
N VAL A 403 1.14 -13.56 10.42
CA VAL A 403 -0.09 -12.93 9.99
C VAL A 403 0.16 -12.32 8.62
N GLU A 404 1.28 -11.60 8.47
CA GLU A 404 1.62 -10.93 7.21
C GLU A 404 1.88 -11.98 6.12
N ASP A 405 2.69 -13.00 6.43
CA ASP A 405 2.97 -14.05 5.44
C ASP A 405 1.66 -14.71 4.97
N THR A 406 0.76 -15.05 5.90
CA THR A 406 -0.54 -15.62 5.57
C THR A 406 -1.33 -14.73 4.59
N LYS A 407 -1.50 -13.46 4.98
CA LYS A 407 -2.19 -12.44 4.20
C LYS A 407 -1.59 -12.37 2.79
N ILE A 408 -0.26 -12.37 2.69
CA ILE A 408 0.38 -12.18 1.40
C ILE A 408 0.14 -13.40 0.52
N ASP A 409 0.16 -14.60 1.11
CA ASP A 409 -0.07 -15.77 0.27
C ASP A 409 -1.51 -15.78 -0.24
N LEU A 410 -2.43 -15.32 0.61
CA LEU A 410 -3.84 -15.30 0.21
C LEU A 410 -4.07 -14.28 -0.91
N TRP A 411 -3.46 -13.09 -0.80
CA TRP A 411 -3.63 -12.12 -1.87
C TRP A 411 -2.90 -12.57 -3.14
N SER A 412 -1.73 -13.21 -2.99
CA SER A 412 -1.01 -13.62 -4.18
C SER A 412 -1.87 -14.65 -4.91
N TYR A 413 -2.50 -15.55 -4.11
CA TYR A 413 -3.44 -16.53 -4.65
C TYR A 413 -4.56 -15.80 -5.38
N ASN A 414 -5.18 -14.80 -4.72
CA ASN A 414 -6.30 -14.08 -5.33
C ASN A 414 -5.85 -13.52 -6.69
N ALA A 415 -4.62 -13.00 -6.75
CA ALA A 415 -4.14 -12.28 -7.94
C ALA A 415 -3.97 -13.29 -9.08
N GLU A 416 -3.34 -14.43 -8.76
CA GLU A 416 -3.04 -15.47 -9.75
C GLU A 416 -4.34 -15.99 -10.35
N LEU A 417 -5.28 -16.36 -9.47
CA LEU A 417 -6.57 -16.88 -9.91
C LEU A 417 -7.34 -15.82 -10.70
N LEU A 418 -7.34 -14.59 -10.22
CA LEU A 418 -8.09 -13.54 -10.90
C LEU A 418 -7.64 -13.42 -12.36
N VAL A 419 -6.31 -13.43 -12.58
CA VAL A 419 -5.82 -13.12 -13.91
C VAL A 419 -6.07 -14.32 -14.83
N ALA A 420 -6.01 -15.53 -14.28
CA ALA A 420 -6.21 -16.72 -15.09
C ALA A 420 -7.68 -16.81 -15.53
N LEU A 421 -8.62 -16.55 -14.62
CA LEU A 421 -10.05 -16.60 -14.97
C LEU A 421 -10.39 -15.52 -16.00
N GLU A 422 -9.91 -14.30 -15.73
CA GLU A 422 -10.21 -13.16 -16.59
C GLU A 422 -9.65 -13.42 -18.00
N ASN A 423 -8.43 -13.93 -18.08
CA ASN A 423 -7.80 -14.18 -19.36
C ASN A 423 -8.54 -15.28 -20.10
N GLN A 424 -8.95 -16.34 -19.38
CA GLN A 424 -9.67 -17.40 -20.06
C GLN A 424 -10.97 -16.80 -20.59
N HIS A 425 -11.59 -15.95 -19.80
CA HIS A 425 -12.85 -15.36 -20.20
C HIS A 425 -12.64 -14.42 -21.39
N THR A 426 -11.53 -13.66 -21.40
CA THR A 426 -11.28 -12.70 -22.47
C THR A 426 -11.12 -13.42 -23.81
N ILE A 427 -10.41 -14.54 -23.78
CA ILE A 427 -10.16 -15.34 -24.97
C ILE A 427 -11.45 -15.93 -25.51
N ASP A 428 -12.32 -16.40 -24.61
CA ASP A 428 -13.61 -16.95 -24.97
C ASP A 428 -14.56 -15.88 -25.47
N LEU A 429 -14.57 -14.69 -24.84
CA LEU A 429 -15.59 -13.73 -25.27
C LEU A 429 -15.19 -13.20 -26.64
N THR A 430 -13.87 -13.06 -26.90
CA THR A 430 -13.46 -12.53 -28.20
C THR A 430 -13.71 -13.55 -29.32
N ASP A 431 -13.57 -14.84 -28.98
CA ASP A 431 -13.85 -15.94 -29.89
C ASP A 431 -15.35 -15.94 -30.18
N SER A 432 -16.15 -15.78 -29.12
CA SER A 432 -17.60 -15.72 -29.27
C SER A 432 -18.03 -14.58 -30.21
N GLU A 433 -17.48 -13.37 -30.03
CA GLU A 433 -17.84 -12.25 -30.90
C GLU A 433 -17.58 -12.62 -32.38
N MET A 434 -16.45 -13.30 -32.63
CA MET A 434 -16.15 -13.73 -33.98
C MET A 434 -17.25 -14.63 -34.49
N ASN A 435 -17.58 -15.64 -33.68
CA ASN A 435 -18.56 -16.65 -34.01
C ASN A 435 -19.91 -16.00 -34.24
N LYS A 436 -20.24 -14.99 -33.43
CA LYS A 436 -21.52 -14.29 -33.57
C LYS A 436 -21.64 -13.51 -34.88
N LEU A 437 -20.55 -12.86 -35.30
CA LEU A 437 -20.62 -12.08 -36.54
C LEU A 437 -20.77 -13.05 -37.72
N PHE A 438 -20.04 -14.17 -37.69
CA PHE A 438 -20.18 -15.20 -38.69
C PHE A 438 -21.63 -15.70 -38.81
N GLU A 439 -22.27 -16.09 -37.68
CA GLU A 439 -23.64 -16.59 -37.65
C GLU A 439 -24.62 -15.57 -38.21
N LYS A 440 -24.50 -14.32 -37.78
CA LYS A 440 -25.38 -13.25 -38.24
C LYS A 440 -25.26 -13.06 -39.76
N THR A 441 -24.03 -13.13 -40.28
CA THR A 441 -23.85 -13.01 -41.73
C THR A 441 -24.49 -14.20 -42.45
N LYS A 442 -24.22 -15.41 -41.96
CA LYS A 442 -24.79 -16.61 -42.58
C LYS A 442 -26.31 -16.48 -42.68
N LYS A 443 -26.95 -16.04 -41.58
CA LYS A 443 -28.41 -15.85 -41.57
C LYS A 443 -28.87 -14.81 -42.58
N GLN A 444 -28.09 -13.74 -42.78
CA GLN A 444 -28.44 -12.74 -43.77
C GLN A 444 -28.53 -13.37 -45.17
N LEU A 445 -27.63 -14.32 -45.45
CA LEU A 445 -27.46 -14.84 -46.80
C LEU A 445 -28.56 -15.85 -47.15
N ARG A 446 -29.22 -16.41 -46.13
CA ARG A 446 -30.32 -17.36 -46.32
C ARG A 446 -29.89 -18.43 -47.30
N GLU A 447 -30.65 -18.66 -48.38
CA GLU A 447 -30.32 -19.70 -49.32
C GLU A 447 -29.34 -19.25 -50.43
N ASN A 448 -28.73 -18.05 -50.31
CA ASN A 448 -28.01 -17.48 -51.45
C ASN A 448 -26.52 -17.78 -51.39
N ALA A 449 -26.07 -18.46 -50.33
CA ALA A 449 -24.64 -18.69 -50.13
C ALA A 449 -24.45 -19.98 -49.33
N GLU A 450 -23.23 -20.51 -49.32
CA GLU A 450 -22.89 -21.71 -48.55
C GLU A 450 -21.61 -21.44 -47.79
N ASP A 451 -21.53 -22.02 -46.59
CA ASP A 451 -20.39 -21.95 -45.71
C ASP A 451 -19.30 -22.91 -46.21
N MET A 452 -18.13 -22.39 -46.54
CA MET A 452 -17.03 -23.23 -47.00
C MET A 452 -16.31 -23.92 -45.83
N GLY A 453 -16.57 -23.45 -44.59
CA GLY A 453 -16.04 -24.10 -43.40
C GLY A 453 -14.77 -23.41 -42.86
N ASN A 454 -14.24 -22.45 -43.62
CA ASN A 454 -13.01 -21.79 -43.21
C ASN A 454 -13.31 -20.32 -42.88
N GLY A 455 -14.57 -20.03 -42.56
CA GLY A 455 -15.03 -18.68 -42.29
C GLY A 455 -15.47 -17.94 -43.54
N CYS A 456 -15.43 -18.61 -44.70
CA CYS A 456 -15.77 -17.96 -45.96
C CYS A 456 -17.10 -18.49 -46.50
N PHE A 457 -17.90 -17.57 -47.05
CA PHE A 457 -19.08 -17.95 -47.78
C PHE A 457 -18.86 -17.84 -49.29
N LYS A 458 -19.36 -18.85 -49.99
CA LYS A 458 -19.49 -18.74 -51.44
C LYS A 458 -20.89 -18.22 -51.72
N ILE A 459 -20.95 -17.05 -52.36
CA ILE A 459 -22.22 -16.39 -52.68
C ILE A 459 -22.54 -16.70 -54.14
N TYR A 460 -23.74 -17.25 -54.39
CA TYR A 460 -24.01 -17.84 -55.70
C TYR A 460 -24.71 -16.86 -56.66
N HIS A 461 -24.31 -15.59 -56.59
CA HIS A 461 -24.93 -14.57 -57.43
C HIS A 461 -23.93 -13.43 -57.58
N LYS A 462 -24.16 -12.61 -58.59
CA LYS A 462 -23.35 -11.42 -58.82
C LYS A 462 -23.56 -10.53 -57.59
N CYS A 463 -22.47 -10.19 -56.92
CA CYS A 463 -22.53 -9.37 -55.73
C CYS A 463 -21.45 -8.29 -55.81
N ASP A 464 -21.78 -7.16 -56.45
CA ASP A 464 -20.92 -5.99 -56.62
C ASP A 464 -20.67 -5.31 -55.27
N ASN A 465 -19.93 -4.19 -55.31
CA ASN A 465 -19.52 -3.53 -54.09
C ASN A 465 -20.71 -3.08 -53.25
N ALA A 466 -21.77 -2.57 -53.90
CA ALA A 466 -22.95 -2.09 -53.18
C ALA A 466 -23.62 -3.27 -52.46
N CYS A 467 -23.67 -4.40 -53.16
CA CYS A 467 -24.21 -5.66 -52.67
C CYS A 467 -23.41 -6.13 -51.45
N ILE A 468 -22.08 -6.18 -51.56
CA ILE A 468 -21.23 -6.48 -50.42
C ILE A 468 -21.51 -5.50 -49.27
N GLY A 469 -21.54 -4.20 -49.57
CA GLY A 469 -21.84 -3.18 -48.57
C GLY A 469 -23.21 -3.38 -47.92
N SER A 470 -24.21 -3.90 -48.66
CA SER A 470 -25.52 -4.14 -48.08
C SER A 470 -25.48 -5.27 -47.05
N ILE A 471 -24.61 -6.26 -47.27
CA ILE A 471 -24.34 -7.33 -46.32
C ILE A 471 -23.73 -6.76 -45.03
N ARG A 472 -22.69 -5.93 -45.17
CA ARG A 472 -21.93 -5.41 -44.04
C ARG A 472 -22.74 -4.41 -43.23
N ASN A 473 -23.69 -3.72 -43.88
CA ASN A 473 -24.49 -2.75 -43.14
C ASN A 473 -25.88 -3.31 -42.85
N GLU A 474 -26.08 -4.60 -43.17
CA GLU A 474 -27.24 -5.38 -42.73
C GLU A 474 -28.52 -4.91 -43.41
N THR A 475 -28.42 -4.41 -44.65
CA THR A 475 -29.62 -4.09 -45.43
C THR A 475 -29.82 -5.08 -46.58
N TYR A 476 -28.97 -6.11 -46.74
CA TYR A 476 -29.08 -7.06 -47.82
C TYR A 476 -30.45 -7.75 -47.82
N ASP A 477 -31.14 -7.72 -48.96
CA ASP A 477 -32.46 -8.33 -49.12
C ASP A 477 -32.27 -9.59 -49.95
N HIS A 478 -32.29 -10.74 -49.29
CA HIS A 478 -31.94 -12.01 -49.90
C HIS A 478 -32.92 -12.34 -51.03
N ASN A 479 -34.16 -11.85 -50.92
CA ASN A 479 -35.20 -12.10 -51.91
C ASN A 479 -34.78 -11.58 -53.29
N VAL A 480 -33.98 -10.51 -53.31
CA VAL A 480 -33.65 -9.88 -54.58
C VAL A 480 -32.86 -10.87 -55.45
N TYR A 481 -32.00 -11.67 -54.83
CA TYR A 481 -31.03 -12.48 -55.57
C TYR A 481 -31.38 -13.96 -55.51
N ARG A 482 -32.51 -14.27 -54.88
CA ARG A 482 -32.76 -15.65 -54.51
C ARG A 482 -32.81 -16.52 -55.77
N ASP A 483 -33.66 -16.10 -56.75
CA ASP A 483 -33.85 -16.85 -57.98
C ASP A 483 -32.49 -17.17 -58.60
N GLU A 484 -31.68 -16.11 -58.75
CA GLU A 484 -30.36 -16.25 -59.37
C GLU A 484 -29.54 -17.24 -58.56
N ALA A 485 -29.59 -17.13 -57.23
CA ALA A 485 -28.69 -17.90 -56.39
C ALA A 485 -29.08 -19.37 -56.44
N LEU A 486 -30.39 -19.66 -56.30
CA LEU A 486 -30.87 -21.04 -56.29
C LEU A 486 -30.51 -21.78 -57.58
N ASN A 487 -30.59 -21.06 -58.71
CA ASN A 487 -30.25 -21.57 -60.03
C ASN A 487 -28.77 -21.93 -60.14
N ASN A 488 -27.88 -21.08 -59.63
CA ASN A 488 -26.45 -21.38 -59.63
C ASN A 488 -26.14 -22.52 -58.67
N ARG A 489 -26.83 -22.55 -57.53
CA ARG A 489 -26.49 -23.47 -56.47
C ARG A 489 -26.85 -24.89 -56.85
N PHE A 490 -28.07 -25.05 -57.38
CA PHE A 490 -28.70 -26.36 -57.47
C PHE A 490 -28.73 -26.87 -58.91
N GLN A 491 -27.69 -26.55 -59.69
CA GLN A 491 -27.58 -27.03 -61.06
C GLN A 491 -26.95 -28.43 -61.04
N ILE A 492 -27.00 -29.12 -62.20
CA ILE A 492 -26.36 -30.41 -62.39
C ILE A 492 -25.24 -30.26 -63.43
C1 NAG B . -1.44 12.57 48.40
C2 NAG B . -1.93 12.27 49.80
C3 NAG B . -3.40 11.84 49.73
C4 NAG B . -4.30 12.90 49.14
C5 NAG B . -3.71 13.40 47.81
C6 NAG B . -4.25 14.81 47.62
C7 NAG B . -0.68 11.19 51.61
C8 NAG B . -0.57 9.84 52.25
N2 NAG B . -1.11 11.21 50.35
O3 NAG B . -3.85 11.53 51.04
O4 NAG B . -5.62 12.42 48.87
O5 NAG B . -2.29 13.56 47.86
O6 NAG B . -3.97 15.19 46.29
O7 NAG B . -0.36 12.21 52.20
C1 NAG B . -6.64 13.41 49.11
C2 NAG B . -7.87 12.94 48.31
C3 NAG B . -9.16 13.64 48.74
C4 NAG B . -9.35 13.68 50.27
C5 NAG B . -8.15 14.42 50.80
C6 NAG B . -8.35 14.65 52.29
C7 NAG B . -7.64 12.16 45.94
C8 NAG B . -8.10 12.59 44.57
N2 NAG B . -7.62 13.12 46.88
O3 NAG B . -10.23 12.89 48.18
O4 NAG B . -10.59 14.27 50.73
O5 NAG B . -6.95 13.66 50.51
O6 NAG B . -7.42 13.84 53.03
O7 NAG B . -7.30 11.00 46.15
C1 NAG C . 3.51 9.44 49.11
C2 NAG C . 4.68 8.68 49.68
C3 NAG C . 4.55 8.63 51.19
C4 NAG C . 4.42 10.03 51.81
C5 NAG C . 3.50 10.99 51.07
C6 NAG C . 4.12 12.36 51.31
C7 NAG C . 5.53 6.89 48.20
C8 NAG C . 4.99 5.75 47.41
N2 NAG C . 4.75 7.32 49.18
O3 NAG C . 5.80 8.10 51.60
O4 NAG C . 4.10 9.97 53.22
O5 NAG C . 3.53 10.78 49.65
O6 NAG C . 3.18 13.40 51.13
O7 NAG C . 6.61 7.38 47.92
C1 NAG C . 5.00 10.80 54.00
C2 NAG C . 4.49 10.84 55.43
C3 NAG C . 5.53 11.19 56.50
C4 NAG C . 6.93 10.67 56.16
C5 NAG C . 7.23 11.22 54.76
C6 NAG C . 8.69 11.19 54.34
C7 NAG C . 2.12 11.40 55.52
C8 NAG C . 1.07 12.49 55.45
N2 NAG C . 3.40 11.80 55.44
O3 NAG C . 5.13 10.65 57.76
O4 NAG C . 7.86 11.09 57.16
O5 NAG C . 6.39 10.44 53.90
O6 NAG C . 9.09 9.87 53.97
O7 NAG C . 1.84 10.21 55.64
C2 BGC D . 29.00 14.27 51.24
C3 BGC D . 29.33 14.03 49.80
C4 BGC D . 29.85 12.67 49.47
C5 BGC D . 29.38 11.49 50.40
C6 BGC D . 30.38 10.40 50.42
C1 BGC D . 28.19 13.09 51.81
O1 BGC D . 27.70 13.40 53.10
O2 BGC D . 28.27 15.50 51.35
O3 BGC D . 30.31 15.08 49.39
O4 BGC D . 29.44 12.34 48.08
O5 BGC D . 29.01 11.87 51.80
O6 BGC D . 29.99 9.48 49.39
C1 GAL D . 30.49 12.11 47.18
C2 GAL D . 29.88 11.97 45.77
C3 GAL D . 30.80 12.20 44.63
C4 GAL D . 31.90 13.21 44.79
C5 GAL D . 32.56 13.12 46.18
C6 GAL D . 33.55 14.24 46.34
O2 GAL D . 29.29 10.67 45.58
O3 GAL D . 29.94 12.63 43.49
O4 GAL D . 31.31 14.50 44.62
O5 GAL D . 31.52 13.21 47.23
O6 GAL D . 32.85 15.41 46.72
C1 NAG D . 30.02 11.63 42.53
C2 NAG D . 29.02 11.97 41.41
C3 NAG D . 29.25 11.15 40.18
C4 NAG D . 30.70 11.11 39.79
C5 NAG D . 31.67 10.73 40.94
C6 NAG D . 33.14 10.89 40.56
C7 NAG D . 26.76 13.12 41.96
C8 NAG D . 25.30 13.13 42.47
N2 NAG D . 27.59 11.88 41.95
O3 NAG D . 28.48 11.75 39.08
O4 NAG D . 30.87 10.13 38.74
O5 NAG D . 31.45 11.55 42.12
O6 NAG D . 33.34 12.27 40.31
O7 NAG D . 27.18 14.15 41.55
C1 GAL D . 31.28 10.74 37.57
C2 GAL D . 31.95 9.65 36.77
C3 GAL D . 32.19 10.01 35.35
C4 GAL D . 30.96 10.56 34.70
C5 GAL D . 30.36 11.69 35.50
C6 GAL D . 29.02 12.15 34.92
O2 GAL D . 33.20 9.27 37.41
O3 GAL D . 32.55 8.77 34.67
O4 GAL D . 30.00 9.50 34.65
O5 GAL D . 30.04 11.28 36.89
O6 GAL D . 28.67 13.32 35.69
C1 SIA D . 26.65 13.68 34.38
C2 SIA D . 27.25 13.69 35.78
C3 SIA D . 27.15 15.08 36.37
C4 SIA D . 25.72 15.36 36.61
C5 SIA D . 25.05 14.43 37.51
C6 SIA D . 25.17 13.02 36.92
C7 SIA D . 24.52 11.93 37.71
C8 SIA D . 24.80 10.58 37.01
C9 SIA D . 23.93 9.42 37.53
C10 SIA D . 22.86 14.90 38.54
C11 SIA D . 21.41 15.32 38.47
N5 SIA D . 23.65 14.84 37.38
O1A SIA D . 25.80 12.78 34.06
O1B SIA D . 27.00 14.52 33.52
O4 SIA D . 25.54 16.74 37.11
O6 SIA D . 26.59 12.71 36.66
O7 SIA D . 25.05 11.85 39.03
O8 SIA D . 24.65 10.65 35.64
O9 SIA D . 24.71 8.27 37.20
O10 SIA D . 23.38 14.58 39.53
C1 NAG E . 12.32 -2.17 -1.96
C2 NAG E . 13.07 -2.99 -3.02
C3 NAG E . 13.01 -4.43 -2.55
C4 NAG E . 13.63 -4.51 -1.16
C5 NAG E . 12.75 -3.73 -0.19
C6 NAG E . 13.22 -3.75 1.24
C7 NAG E . 12.44 -2.00 -5.31
C8 NAG E . 11.67 -2.31 -6.58
N2 NAG E . 12.46 -2.97 -4.36
O3 NAG E . 13.73 -5.22 -3.50
O4 NAG E . 13.81 -5.88 -0.76
O5 NAG E . 12.74 -2.39 -0.63
O6 NAG E . 14.61 -3.39 1.26
O7 NAG E . 12.95 -0.89 -5.17
C1 NAG F . 23.21 13.93 11.52
C2 NAG F . 23.44 15.36 11.05
C3 NAG F . 24.77 15.51 10.35
C4 NAG F . 25.91 14.81 11.10
C5 NAG F . 25.51 13.36 11.37
C6 NAG F . 26.63 12.51 11.93
C7 NAG F . 21.39 16.51 10.42
C8 NAG F . 20.10 16.18 9.70
N2 NAG F . 22.41 15.70 10.11
O3 NAG F . 25.04 16.91 10.22
O4 NAG F . 27.10 14.87 10.32
O5 NAG F . 24.36 13.41 12.23
O6 NAG F . 26.61 12.52 13.36
O7 NAG F . 21.53 17.43 11.22
#